data_5TN1
#
_entry.id   5TN1
#
_cell.length_a   55.940
_cell.length_b   82.883
_cell.length_c   58.698
_cell.angle_alpha   90.000
_cell.angle_beta   108.790
_cell.angle_gamma   90.000
#
_symmetry.space_group_name_H-M   'P 1 21 1'
#
loop_
_entity.id
_entity.type
_entity.pdbx_description
1 polymer 'Estrogen receptor'
2 polymer 'Nuclear receptor coactivator 2'
3 non-polymer (9beta,13alpha,17Z)-17-{[4-(propan-2-yl)phenyl]imino}estra-1,3,5(10)-trien-3-ol
4 water water
#
loop_
_entity_poly.entity_id
_entity_poly.type
_entity_poly.pdbx_seq_one_letter_code
_entity_poly.pdbx_strand_id
1 'polypeptide(L)'
;IKRSKKNSLALSLTADQMVSALLDAEPPILYSEYDPTRPFSEASMMGLLTNLADRELVHMINWAKRVPGFVDLTLHDQVH
LLECAWLEILMIGLVWRSMEHPGKLLFAPNLLLDRNQGKCVEGMVEIFDMLLATSSRFRMMNLQGEEFVCLKSIILLNSG
VYTFLSSTLKSLEEKDHIHRVLDKITDTLIHLMAKAGLTLQQQHQRLAQLLLILSHIRHMSNKGMEHLYSMKCKNVVPLS
DLLLEMLDAHRLHAPTS
;
A,B
2 'polypeptide(L)' KHKILHRLLQDSS C,D
#
loop_
_chem_comp.id
_chem_comp.type
_chem_comp.name
_chem_comp.formula
7FR non-polymer (9beta,13alpha,17Z)-17-{[4-(propan-2-yl)phenyl]imino}estra-1,3,5(10)-trien-3-ol 'C27 H33 N O'
#
# COMPACT_ATOMS: atom_id res chain seq x y z
N SER A 4 -26.48 17.32 -10.07
CA SER A 4 -25.83 18.15 -9.06
C SER A 4 -24.42 17.66 -8.75
N LYS A 5 -23.47 18.04 -9.61
CA LYS A 5 -22.08 17.62 -9.46
C LYS A 5 -21.19 18.71 -8.86
N LYS A 6 -21.65 19.96 -8.85
CA LYS A 6 -20.84 21.04 -8.27
C LYS A 6 -20.73 20.89 -6.76
N ASN A 7 -21.87 20.85 -6.08
CA ASN A 7 -21.93 20.65 -4.62
C ASN A 7 -22.65 19.34 -4.37
N SER A 8 -21.88 18.26 -4.28
CA SER A 8 -22.45 16.94 -4.12
C SER A 8 -23.12 16.79 -2.75
N LEU A 9 -24.01 15.80 -2.66
CA LEU A 9 -24.65 15.50 -1.38
C LEU A 9 -23.70 14.81 -0.41
N ALA A 10 -22.61 14.22 -0.90
CA ALA A 10 -21.62 13.61 -0.02
C ALA A 10 -20.95 14.64 0.88
N LEU A 11 -20.72 15.85 0.37
CA LEU A 11 -20.11 16.89 1.18
C LEU A 11 -21.06 17.39 2.25
N SER A 12 -22.37 17.34 2.01
CA SER A 12 -23.36 17.88 2.94
C SER A 12 -23.79 16.88 4.00
N LEU A 13 -23.37 15.63 3.90
CA LEU A 13 -23.79 14.62 4.85
C LEU A 13 -23.11 14.84 6.19
N THR A 14 -23.86 14.62 7.27
CA THR A 14 -23.24 14.56 8.58
C THR A 14 -22.45 13.25 8.70
N ALA A 15 -21.64 13.16 9.75
CA ALA A 15 -20.87 11.94 9.99
C ALA A 15 -21.79 10.75 10.24
N ASP A 16 -22.85 10.94 11.05
CA ASP A 16 -23.80 9.87 11.30
C ASP A 16 -24.53 9.47 10.02
N GLN A 17 -24.80 10.43 9.12
CA GLN A 17 -25.49 10.10 7.88
C GLN A 17 -24.56 9.40 6.91
N MET A 18 -23.27 9.74 6.93
CA MET A 18 -22.29 8.98 6.15
C MET A 18 -22.26 7.52 6.61
N VAL A 19 -22.15 7.29 7.92
CA VAL A 19 -22.14 5.92 8.44
C VAL A 19 -23.42 5.19 8.07
N SER A 20 -24.56 5.86 8.23
CA SER A 20 -25.83 5.25 7.86
C SER A 20 -25.86 4.90 6.37
N ALA A 21 -25.43 5.83 5.53
CA ALA A 21 -25.42 5.56 4.09
C ALA A 21 -24.55 4.35 3.76
N LEU A 22 -23.34 4.29 4.33
CA LEU A 22 -22.44 3.19 3.99
C LEU A 22 -22.94 1.86 4.52
N LEU A 23 -23.55 1.86 5.72
CA LEU A 23 -24.09 0.63 6.27
C LEU A 23 -25.24 0.12 5.41
N ASP A 24 -26.15 1.00 5.00
CA ASP A 24 -27.25 0.61 4.13
C ASP A 24 -26.76 0.09 2.78
N ALA A 25 -25.62 0.59 2.29
CA ALA A 25 -25.08 0.19 1.00
C ALA A 25 -24.42 -1.18 1.01
N GLU A 26 -24.29 -1.83 2.17
CA GLU A 26 -23.45 -3.00 2.31
C GLU A 26 -23.92 -4.14 1.41
N PRO A 27 -23.03 -4.78 0.66
CA PRO A 27 -23.45 -5.92 -0.17
C PRO A 27 -23.85 -7.09 0.70
N PRO A 28 -24.59 -8.04 0.14
CA PRO A 28 -24.95 -9.24 0.91
C PRO A 28 -23.81 -10.25 0.95
N ILE A 29 -23.89 -11.13 1.93
CA ILE A 29 -22.90 -12.20 2.09
C ILE A 29 -23.37 -13.37 1.22
N LEU A 30 -22.70 -13.55 0.08
CA LEU A 30 -23.06 -14.60 -0.87
C LEU A 30 -22.56 -15.94 -0.38
N TYR A 31 -23.20 -16.99 -0.88
CA TYR A 31 -22.86 -18.35 -0.53
C TYR A 31 -21.98 -18.98 -1.60
N SER A 32 -21.28 -20.04 -1.20
CA SER A 32 -20.52 -20.82 -2.15
C SER A 32 -21.39 -21.96 -2.68
N GLU A 33 -21.28 -22.19 -3.99
CA GLU A 33 -22.01 -23.28 -4.63
C GLU A 33 -21.20 -24.58 -4.53
N TYR A 34 -20.96 -24.98 -3.28
CA TYR A 34 -20.18 -26.16 -2.98
C TYR A 34 -21.02 -27.18 -2.22
N ARG A 38 -17.98 -32.88 -2.05
CA ARG A 38 -16.85 -33.63 -2.58
C ARG A 38 -15.52 -33.09 -2.06
N PRO A 39 -14.53 -33.97 -1.91
CA PRO A 39 -13.20 -33.51 -1.46
C PRO A 39 -12.59 -32.48 -2.39
N PHE A 40 -11.65 -31.71 -1.86
CA PHE A 40 -11.08 -30.58 -2.57
C PHE A 40 -9.96 -31.00 -3.49
N SER A 41 -9.80 -30.23 -4.57
CA SER A 41 -8.65 -30.32 -5.47
C SER A 41 -8.22 -28.90 -5.80
N GLU A 42 -7.11 -28.78 -6.53
CA GLU A 42 -6.60 -27.45 -6.89
C GLU A 42 -7.55 -26.73 -7.82
N ALA A 43 -8.04 -27.41 -8.86
CA ALA A 43 -8.92 -26.76 -9.83
C ALA A 43 -10.29 -26.46 -9.23
N SER A 44 -10.78 -27.33 -8.34
CA SER A 44 -12.10 -27.11 -7.76
C SER A 44 -12.08 -25.96 -6.74
N MET A 45 -11.08 -25.92 -5.87
CA MET A 45 -11.04 -24.85 -4.87
C MET A 45 -10.92 -23.48 -5.53
N MET A 46 -10.01 -23.35 -6.49
CA MET A 46 -9.90 -22.09 -7.22
C MET A 46 -11.16 -21.79 -8.03
N GLY A 47 -11.82 -22.82 -8.56
CA GLY A 47 -13.08 -22.60 -9.23
C GLY A 47 -14.14 -22.03 -8.30
N LEU A 48 -14.22 -22.58 -7.08
CA LEU A 48 -15.15 -22.01 -6.11
C LEU A 48 -14.80 -20.56 -5.79
N LEU A 49 -13.51 -20.27 -5.58
CA LEU A 49 -13.15 -18.92 -5.17
C LEU A 49 -13.39 -17.91 -6.29
N THR A 50 -13.04 -18.28 -7.53
CA THR A 50 -13.25 -17.37 -8.65
C THR A 50 -14.73 -17.24 -9.01
N ASN A 51 -15.53 -18.31 -8.85
CA ASN A 51 -16.96 -18.18 -9.03
C ASN A 51 -17.56 -17.24 -8.00
N LEU A 52 -17.21 -17.44 -6.73
CA LEU A 52 -17.64 -16.53 -5.67
C LEU A 52 -17.25 -15.09 -5.98
N ALA A 53 -15.97 -14.88 -6.33
CA ALA A 53 -15.48 -13.54 -6.63
C ALA A 53 -16.27 -12.89 -7.75
N ASP A 54 -16.58 -13.67 -8.79
CA ASP A 54 -17.31 -13.11 -9.93
C ASP A 54 -18.73 -12.70 -9.55
N ARG A 55 -19.39 -13.47 -8.68
CA ARG A 55 -20.71 -13.08 -8.22
C ARG A 55 -20.65 -11.86 -7.30
N GLU A 56 -19.66 -11.81 -6.41
CA GLU A 56 -19.50 -10.65 -5.53
C GLU A 56 -19.19 -9.38 -6.32
N LEU A 57 -18.52 -9.52 -7.46
CA LEU A 57 -18.16 -8.35 -8.26
C LEU A 57 -19.40 -7.60 -8.73
N VAL A 58 -20.45 -8.33 -9.11
CA VAL A 58 -21.69 -7.66 -9.54
C VAL A 58 -22.27 -6.84 -8.40
N HIS A 59 -22.26 -7.39 -7.18
CA HIS A 59 -22.78 -6.64 -6.04
C HIS A 59 -21.86 -5.48 -5.66
N MET A 60 -20.55 -5.62 -5.89
CA MET A 60 -19.63 -4.52 -5.61
C MET A 60 -19.97 -3.29 -6.45
N ILE A 61 -20.27 -3.49 -7.73
CA ILE A 61 -20.63 -2.36 -8.60
C ILE A 61 -21.81 -1.61 -8.03
N ASN A 62 -22.87 -2.33 -7.63
CA ASN A 62 -24.01 -1.66 -6.99
C ASN A 62 -23.59 -0.92 -5.74
N TRP A 63 -22.72 -1.52 -4.94
CA TRP A 63 -22.29 -0.89 -3.71
C TRP A 63 -21.51 0.38 -3.99
N ALA A 64 -20.57 0.31 -4.95
CA ALA A 64 -19.78 1.49 -5.28
C ALA A 64 -20.66 2.65 -5.72
N LYS A 65 -21.71 2.37 -6.51
CA LYS A 65 -22.59 3.44 -6.92
C LYS A 65 -23.29 4.09 -5.74
N ARG A 66 -23.30 3.45 -4.57
CA ARG A 66 -23.94 4.00 -3.38
C ARG A 66 -22.94 4.56 -2.37
N VAL A 67 -21.65 4.48 -2.65
CA VAL A 67 -20.67 5.18 -1.82
C VAL A 67 -20.81 6.66 -2.12
N PRO A 68 -21.04 7.50 -1.12
CA PRO A 68 -21.31 8.92 -1.39
C PRO A 68 -20.13 9.56 -2.12
N GLY A 69 -20.46 10.32 -3.16
CA GLY A 69 -19.48 10.96 -4.02
C GLY A 69 -19.10 10.17 -5.25
N PHE A 70 -19.31 8.85 -5.25
CA PHE A 70 -18.82 8.03 -6.37
C PHE A 70 -19.61 8.29 -7.65
N VAL A 71 -20.90 8.64 -7.55
CA VAL A 71 -21.71 8.90 -8.73
C VAL A 71 -21.38 10.22 -9.40
N ASP A 72 -20.80 11.17 -8.67
CA ASP A 72 -20.40 12.44 -9.25
C ASP A 72 -19.23 12.30 -10.23
N LEU A 73 -18.54 11.17 -10.21
CA LEU A 73 -17.43 10.95 -11.11
C LEU A 73 -17.94 10.54 -12.49
N THR A 74 -17.11 10.79 -13.50
CA THR A 74 -17.39 10.30 -14.84
C THR A 74 -17.37 8.79 -14.87
N LEU A 75 -18.05 8.22 -15.86
CA LEU A 75 -18.05 6.78 -16.02
C LEU A 75 -16.63 6.25 -16.17
N HIS A 76 -15.77 6.99 -16.89
CA HIS A 76 -14.39 6.55 -17.08
C HIS A 76 -13.64 6.50 -15.74
N ASP A 77 -13.87 7.49 -14.87
CA ASP A 77 -13.17 7.47 -13.59
C ASP A 77 -13.72 6.38 -12.67
N GLN A 78 -15.04 6.17 -12.69
CA GLN A 78 -15.62 5.09 -11.90
C GLN A 78 -15.04 3.74 -12.31
N VAL A 79 -14.88 3.51 -13.61
CA VAL A 79 -14.33 2.26 -14.11
C VAL A 79 -12.90 2.07 -13.60
N HIS A 80 -12.08 3.12 -13.74
CA HIS A 80 -10.69 3.04 -13.30
C HIS A 80 -10.59 2.73 -11.81
N LEU A 81 -11.46 3.34 -10.99
CA LEU A 81 -11.37 3.10 -9.55
C LEU A 81 -11.71 1.66 -9.19
N LEU A 82 -12.76 1.11 -9.80
CA LEU A 82 -13.13 -0.27 -9.54
C LEU A 82 -12.10 -1.25 -10.09
N GLU A 83 -11.54 -0.97 -11.27
CA GLU A 83 -10.49 -1.82 -11.82
C GLU A 83 -9.25 -1.92 -10.91
N CYS A 84 -8.84 -0.81 -10.31
CA CYS A 84 -7.67 -0.81 -9.42
CA CYS A 84 -7.66 -0.83 -9.46
C CYS A 84 -7.96 -1.43 -8.07
N ALA A 85 -9.17 -1.17 -7.57
CA ALA A 85 -9.52 -1.49 -6.20
C ALA A 85 -10.21 -2.84 -5.94
N TRP A 86 -10.70 -3.50 -6.99
CA TRP A 86 -11.70 -4.56 -6.78
C TRP A 86 -11.17 -5.69 -5.90
N LEU A 87 -9.90 -6.07 -6.06
CA LEU A 87 -9.40 -7.19 -5.27
C LEU A 87 -9.06 -6.77 -3.84
N GLU A 88 -8.60 -5.53 -3.64
CA GLU A 88 -8.50 -4.99 -2.29
C GLU A 88 -9.84 -5.01 -1.58
N ILE A 89 -10.91 -4.63 -2.29
CA ILE A 89 -12.23 -4.58 -1.68
C ILE A 89 -12.72 -5.97 -1.33
N LEU A 90 -12.53 -6.94 -2.23
CA LEU A 90 -12.89 -8.31 -1.91
C LEU A 90 -12.12 -8.82 -0.70
N MET A 91 -10.82 -8.46 -0.61
CA MET A 91 -10.00 -9.00 0.47
C MET A 91 -10.35 -8.37 1.81
N ILE A 92 -10.59 -7.06 1.86
CA ILE A 92 -10.95 -6.47 3.14
C ILE A 92 -12.30 -7.01 3.60
N GLY A 93 -13.25 -7.23 2.67
CA GLY A 93 -14.47 -7.92 3.03
C GLY A 93 -14.21 -9.28 3.63
N LEU A 94 -13.37 -10.08 2.97
CA LEU A 94 -13.03 -11.41 3.48
C LEU A 94 -12.44 -11.35 4.87
N VAL A 95 -11.46 -10.47 5.06
CA VAL A 95 -10.80 -10.31 6.36
C VAL A 95 -11.80 -9.90 7.43
N TRP A 96 -12.69 -8.95 7.12
CA TRP A 96 -13.74 -8.56 8.05
C TRP A 96 -14.63 -9.75 8.44
N ARG A 97 -15.10 -10.52 7.47
CA ARG A 97 -15.97 -11.65 7.78
C ARG A 97 -15.26 -12.74 8.56
N SER A 98 -13.94 -12.78 8.50
CA SER A 98 -13.14 -13.79 9.15
C SER A 98 -12.70 -13.39 10.56
N MET A 99 -13.06 -12.17 11.00
CA MET A 99 -12.55 -11.61 12.26
C MET A 99 -12.85 -12.52 13.44
N GLU A 100 -14.05 -13.09 13.50
CA GLU A 100 -14.51 -13.93 14.60
C GLU A 100 -14.12 -15.40 14.43
N HIS A 101 -13.33 -15.73 13.42
CA HIS A 101 -12.92 -17.11 13.15
C HIS A 101 -11.40 -17.15 13.08
N PRO A 102 -10.72 -17.07 14.23
CA PRO A 102 -9.25 -17.08 14.21
C PRO A 102 -8.71 -18.30 13.50
N GLY A 103 -7.69 -18.09 12.68
CA GLY A 103 -7.07 -19.16 11.93
C GLY A 103 -7.85 -19.64 10.73
N LYS A 104 -8.98 -19.00 10.41
CA LYS A 104 -9.84 -19.44 9.33
C LYS A 104 -10.20 -18.25 8.45
N LEU A 105 -10.43 -18.51 7.17
CA LEU A 105 -10.91 -17.49 6.24
C LEU A 105 -12.32 -17.85 5.81
N LEU A 106 -13.28 -16.98 6.12
CA LEU A 106 -14.68 -17.22 5.80
C LEU A 106 -14.99 -16.60 4.44
N PHE A 107 -14.60 -17.32 3.37
CA PHE A 107 -14.97 -16.88 2.03
C PHE A 107 -16.49 -16.82 1.89
N ALA A 108 -17.18 -17.77 2.49
CA ALA A 108 -18.64 -17.82 2.48
C ALA A 108 -19.08 -18.57 3.72
N PRO A 109 -20.35 -18.42 4.14
CA PRO A 109 -20.77 -19.14 5.35
C PRO A 109 -20.62 -20.64 5.23
N ASN A 110 -20.63 -21.18 4.02
CA ASN A 110 -20.45 -22.61 3.78
C ASN A 110 -19.09 -22.94 3.19
N LEU A 111 -18.13 -21.99 3.27
CA LEU A 111 -16.77 -22.19 2.77
C LEU A 111 -15.84 -21.48 3.75
N LEU A 112 -15.53 -22.17 4.85
CA LEU A 112 -14.68 -21.66 5.93
C LEU A 112 -13.38 -22.44 5.87
N LEU A 113 -12.34 -21.83 5.34
CA LEU A 113 -11.09 -22.53 5.02
C LEU A 113 -10.03 -22.24 6.08
N ASP A 114 -9.44 -23.29 6.63
CA ASP A 114 -8.34 -23.12 7.55
C ASP A 114 -7.04 -22.93 6.77
N ARG A 115 -5.96 -22.67 7.50
CA ARG A 115 -4.68 -22.36 6.85
C ARG A 115 -4.18 -23.53 6.01
N ASN A 116 -4.30 -24.75 6.53
CA ASN A 116 -3.78 -25.91 5.82
C ASN A 116 -4.53 -26.20 4.52
N GLN A 117 -5.79 -25.76 4.41
CA GLN A 117 -6.53 -26.00 3.18
C GLN A 117 -6.08 -25.11 2.03
N GLY A 118 -5.25 -24.11 2.28
CA GLY A 118 -4.70 -23.30 1.22
C GLY A 118 -3.51 -23.91 0.49
N LYS A 119 -3.04 -25.07 0.93
CA LYS A 119 -1.87 -25.70 0.34
C LYS A 119 -2.20 -26.55 -0.88
N CYS A 120 -3.48 -26.89 -1.06
CA CYS A 120 -3.88 -27.63 -2.25
C CYS A 120 -3.89 -26.77 -3.51
N VAL A 121 -3.57 -25.50 -3.33
CA VAL A 121 -3.30 -24.59 -4.44
C VAL A 121 -1.93 -23.95 -4.21
N GLU A 122 -1.01 -24.18 -5.16
CA GLU A 122 0.35 -23.70 -5.01
C GLU A 122 0.40 -22.18 -5.04
N GLY A 123 1.20 -21.59 -4.16
CA GLY A 123 1.34 -20.16 -4.07
C GLY A 123 0.20 -19.44 -3.38
N MET A 124 -0.86 -20.15 -3.00
CA MET A 124 -1.99 -19.55 -2.32
C MET A 124 -1.78 -19.47 -0.82
N VAL A 125 -0.91 -20.32 -0.26
CA VAL A 125 -0.69 -20.34 1.18
C VAL A 125 -0.12 -19.00 1.67
N GLU A 126 0.80 -18.41 0.89
CA GLU A 126 1.34 -17.11 1.25
C GLU A 126 0.24 -16.06 1.33
N ILE A 127 -0.66 -16.05 0.34
CA ILE A 127 -1.77 -15.10 0.35
C ILE A 127 -2.71 -15.40 1.52
N PHE A 128 -2.97 -16.68 1.79
CA PHE A 128 -3.78 -17.06 2.95
C PHE A 128 -3.21 -16.50 4.24
N ASP A 129 -1.91 -16.70 4.46
CA ASP A 129 -1.27 -16.23 5.69
C ASP A 129 -1.35 -14.72 5.84
N MET A 130 -1.22 -13.98 4.73
CA MET A 130 -1.32 -12.54 4.80
C MET A 130 -2.73 -12.10 5.17
N LEU A 131 -3.74 -12.76 4.59
CA LEU A 131 -5.12 -12.45 4.92
C LEU A 131 -5.42 -12.78 6.38
N LEU A 132 -4.95 -13.95 6.85
CA LEU A 132 -5.17 -14.32 8.24
C LEU A 132 -4.52 -13.30 9.19
N ALA A 133 -3.27 -12.90 8.91
CA ALA A 133 -2.61 -11.92 9.76
C ALA A 133 -3.38 -10.61 9.82
N THR A 134 -3.99 -10.21 8.70
CA THR A 134 -4.79 -8.98 8.71
C THR A 134 -6.04 -9.16 9.54
N SER A 135 -6.69 -10.32 9.43
CA SER A 135 -7.85 -10.61 10.27
C SER A 135 -7.48 -10.56 11.74
N SER A 136 -6.35 -11.18 12.12
CA SER A 136 -5.87 -11.09 13.50
C SER A 136 -5.63 -9.66 13.93
N ARG A 137 -5.06 -8.84 13.04
CA ARG A 137 -4.85 -7.43 13.36
C ARG A 137 -6.18 -6.74 13.66
N PHE A 138 -7.16 -6.89 12.75
CA PHE A 138 -8.47 -6.29 12.97
C PHE A 138 -9.10 -6.78 14.27
N ARG A 139 -8.94 -8.06 14.58
CA ARG A 139 -9.45 -8.57 15.85
C ARG A 139 -8.69 -7.98 17.03
N MET A 140 -7.36 -7.85 16.91
CA MET A 140 -6.57 -7.21 17.97
C MET A 140 -7.02 -5.78 18.21
N MET A 141 -7.35 -5.04 17.14
CA MET A 141 -7.78 -3.66 17.26
C MET A 141 -9.25 -3.52 17.66
N ASN A 142 -9.99 -4.63 17.66
CA ASN A 142 -11.44 -4.61 17.86
C ASN A 142 -12.10 -3.68 16.84
N LEU A 143 -11.76 -3.89 15.57
CA LEU A 143 -12.36 -3.14 14.48
C LEU A 143 -13.87 -3.20 14.55
N GLN A 144 -14.51 -2.04 14.37
CA GLN A 144 -15.96 -1.96 14.44
C GLN A 144 -16.53 -1.92 13.02
N GLY A 145 -17.75 -2.42 12.88
CA GLY A 145 -18.41 -2.44 11.58
C GLY A 145 -18.47 -1.07 10.93
N GLU A 146 -18.67 -0.02 11.75
CA GLU A 146 -18.75 1.34 11.22
C GLU A 146 -17.40 1.81 10.69
N GLU A 147 -16.31 1.41 11.35
CA GLU A 147 -14.98 1.72 10.84
C GLU A 147 -14.68 0.91 9.58
N PHE A 148 -15.07 -0.37 9.58
CA PHE A 148 -14.84 -1.21 8.42
C PHE A 148 -15.42 -0.57 7.16
N VAL A 149 -16.68 -0.12 7.20
CA VAL A 149 -17.28 0.40 5.97
C VAL A 149 -16.61 1.71 5.54
N CYS A 150 -16.10 2.49 6.49
CA CYS A 150 -15.31 3.66 6.10
C CYS A 150 -14.03 3.24 5.38
N LEU A 151 -13.27 2.31 5.97
CA LEU A 151 -12.04 1.84 5.35
C LEU A 151 -12.29 1.31 3.94
N LYS A 152 -13.34 0.51 3.76
CA LYS A 152 -13.61 -0.08 2.44
C LYS A 152 -13.89 1.01 1.41
N SER A 153 -14.61 2.05 1.80
CA SER A 153 -14.87 3.16 0.88
C SER A 153 -13.60 3.94 0.56
N ILE A 154 -12.72 4.09 1.56
CA ILE A 154 -11.44 4.77 1.31
C ILE A 154 -10.62 4.03 0.28
N ILE A 155 -10.60 2.68 0.37
CA ILE A 155 -9.88 1.87 -0.60
C ILE A 155 -10.37 2.17 -2.01
N LEU A 156 -11.69 2.18 -2.19
CA LEU A 156 -12.29 2.43 -3.49
C LEU A 156 -11.85 3.78 -4.07
N LEU A 157 -11.96 4.84 -3.27
CA LEU A 157 -11.63 6.17 -3.78
C LEU A 157 -10.13 6.43 -3.89
N ASN A 158 -9.31 5.73 -3.12
CA ASN A 158 -7.88 6.05 -3.06
C ASN A 158 -6.99 5.23 -3.97
N SER A 159 -7.36 3.98 -4.25
CA SER A 159 -6.37 3.09 -4.86
C SER A 159 -5.97 3.56 -6.26
N GLY A 160 -6.87 4.18 -7.00
CA GLY A 160 -6.54 4.64 -8.33
C GLY A 160 -6.48 6.15 -8.51
N VAL A 161 -6.50 6.90 -7.41
CA VAL A 161 -6.55 8.36 -7.51
C VAL A 161 -5.25 8.93 -8.09
N TYR A 162 -4.12 8.26 -7.88
CA TYR A 162 -2.84 8.79 -8.35
C TYR A 162 -2.42 8.25 -9.71
N THR A 163 -3.15 7.29 -10.26
CA THR A 163 -2.95 6.80 -11.61
C THR A 163 -3.84 7.51 -12.62
N PHE A 164 -4.44 8.64 -12.25
CA PHE A 164 -5.22 9.46 -13.16
C PHE A 164 -4.31 10.37 -13.98
N LEU A 165 -4.92 11.11 -14.90
CA LEU A 165 -4.21 12.10 -15.71
C LEU A 165 -4.37 13.47 -15.07
N SER A 166 -3.26 14.22 -14.96
CA SER A 166 -3.26 15.54 -14.35
C SER A 166 -2.91 16.62 -15.36
N SER A 167 -3.33 16.46 -16.61
CA SER A 167 -3.03 17.41 -17.67
C SER A 167 -4.27 18.05 -18.28
N THR A 168 -5.46 17.74 -17.76
CA THR A 168 -6.71 18.31 -18.25
C THR A 168 -7.28 19.26 -17.21
N LEU A 169 -7.93 20.32 -17.68
CA LEU A 169 -8.55 21.27 -16.77
C LEU A 169 -9.70 20.64 -15.99
N LYS A 170 -10.35 19.64 -16.57
CA LYS A 170 -11.46 18.96 -15.92
C LYS A 170 -11.03 17.73 -15.12
N SER A 171 -9.83 17.21 -15.37
CA SER A 171 -9.35 16.05 -14.63
C SER A 171 -8.76 16.43 -13.27
N LEU A 172 -8.31 17.67 -13.12
CA LEU A 172 -7.74 18.10 -11.83
C LEU A 172 -8.83 18.41 -10.81
N GLU A 173 -10.01 18.85 -11.26
CA GLU A 173 -11.13 19.05 -10.34
C GLU A 173 -11.79 17.75 -9.94
N GLU A 174 -11.64 16.69 -10.75
CA GLU A 174 -12.10 15.36 -10.34
C GLU A 174 -11.26 14.83 -9.19
N LYS A 175 -9.95 15.08 -9.22
CA LYS A 175 -9.08 14.64 -8.13
C LYS A 175 -9.39 15.40 -6.83
N ASP A 176 -9.68 16.70 -6.95
CA ASP A 176 -10.00 17.45 -5.75
C ASP A 176 -11.29 16.95 -5.12
N HIS A 177 -12.31 16.66 -5.94
CA HIS A 177 -13.55 16.09 -5.41
C HIS A 177 -13.29 14.77 -4.70
N ILE A 178 -12.49 13.89 -5.30
CA ILE A 178 -12.12 12.64 -4.65
C ILE A 178 -11.45 12.91 -3.31
N HIS A 179 -10.52 13.86 -3.28
CA HIS A 179 -9.82 14.12 -2.02
C HIS A 179 -10.73 14.80 -1.01
N ARG A 180 -11.70 15.60 -1.47
CA ARG A 180 -12.68 16.16 -0.55
C ARG A 180 -13.60 15.08 0.00
N VAL A 181 -14.02 14.12 -0.82
CA VAL A 181 -14.79 13.01 -0.27
C VAL A 181 -13.94 12.19 0.69
N LEU A 182 -12.68 11.92 0.32
CA LEU A 182 -11.77 11.20 1.22
C LEU A 182 -11.63 11.89 2.56
N ASP A 183 -11.47 13.22 2.56
CA ASP A 183 -11.37 13.95 3.82
C ASP A 183 -12.63 13.77 4.67
N LYS A 184 -13.80 13.75 4.03
CA LYS A 184 -15.05 13.54 4.75
C LYS A 184 -15.09 12.19 5.44
N ILE A 185 -14.61 11.14 4.75
CA ILE A 185 -14.57 9.82 5.37
C ILE A 185 -13.58 9.80 6.52
N THR A 186 -12.46 10.54 6.41
CA THR A 186 -11.56 10.68 7.55
C THR A 186 -12.27 11.35 8.73
N ASP A 187 -12.96 12.46 8.47
CA ASP A 187 -13.79 13.08 9.50
C ASP A 187 -14.72 12.06 10.15
N THR A 188 -15.29 11.16 9.33
CA THR A 188 -16.28 10.20 9.83
C THR A 188 -15.64 9.16 10.75
N LEU A 189 -14.48 8.63 10.35
CA LEU A 189 -13.73 7.72 11.21
C LEU A 189 -13.37 8.37 12.53
N ILE A 190 -12.88 9.60 12.48
CA ILE A 190 -12.54 10.34 13.71
C ILE A 190 -13.80 10.56 14.55
N HIS A 191 -14.91 10.89 13.90
CA HIS A 191 -16.17 11.05 14.62
C HIS A 191 -16.53 9.80 15.41
N LEU A 192 -16.42 8.63 14.76
CA LEU A 192 -16.75 7.36 15.40
C LEU A 192 -15.82 7.08 16.59
N MET A 193 -14.54 7.42 16.45
CA MET A 193 -13.60 7.21 17.55
C MET A 193 -13.85 8.15 18.72
N ALA A 194 -14.12 9.43 18.43
CA ALA A 194 -14.49 10.34 19.51
C ALA A 194 -15.76 9.86 20.20
N LYS A 195 -16.72 9.36 19.42
CA LYS A 195 -17.98 8.87 20.00
C LYS A 195 -17.74 7.66 20.89
N ALA A 196 -16.74 6.84 20.56
CA ALA A 196 -16.39 5.68 21.37
C ALA A 196 -15.55 6.04 22.59
N GLY A 197 -15.28 7.33 22.82
CA GLY A 197 -14.62 7.77 24.03
C GLY A 197 -13.11 7.86 23.97
N LEU A 198 -12.51 7.71 22.81
CA LEU A 198 -11.06 7.82 22.71
C LEU A 198 -10.64 9.27 22.84
N THR A 199 -9.53 9.50 23.54
CA THR A 199 -8.92 10.81 23.57
C THR A 199 -8.42 11.20 22.19
N LEU A 200 -8.08 12.49 22.05
CA LEU A 200 -7.50 12.98 20.80
C LEU A 200 -6.25 12.20 20.41
N GLN A 201 -5.36 11.92 21.37
CA GLN A 201 -4.15 11.17 21.05
C GLN A 201 -4.47 9.76 20.59
N GLN A 202 -5.45 9.12 21.24
CA GLN A 202 -5.88 7.80 20.80
C GLN A 202 -6.59 7.84 19.46
N GLN A 203 -7.34 8.91 19.17
CA GLN A 203 -8.02 8.99 17.88
C GLN A 203 -7.02 9.00 16.73
N HIS A 204 -5.96 9.81 16.87
CA HIS A 204 -4.99 9.93 15.77
C HIS A 204 -4.17 8.66 15.63
N GLN A 205 -3.76 8.07 16.76
CA GLN A 205 -3.05 6.79 16.71
C GLN A 205 -3.89 5.70 16.04
N ARG A 206 -5.17 5.60 16.41
CA ARG A 206 -6.00 4.55 15.82
C ARG A 206 -6.27 4.82 14.35
N LEU A 207 -6.52 6.09 13.99
CA LEU A 207 -6.62 6.44 12.58
C LEU A 207 -5.39 5.98 11.80
N ALA A 208 -4.20 6.29 12.33
CA ALA A 208 -2.97 5.87 11.64
C ALA A 208 -2.89 4.36 11.51
N GLN A 209 -3.19 3.64 12.61
CA GLN A 209 -3.12 2.18 12.60
C GLN A 209 -4.01 1.59 11.51
N LEU A 210 -5.24 2.09 11.39
CA LEU A 210 -6.16 1.56 10.39
C LEU A 210 -5.67 1.85 8.98
N LEU A 211 -5.16 3.05 8.73
CA LEU A 211 -4.75 3.39 7.38
C LEU A 211 -3.47 2.67 6.97
N LEU A 212 -2.60 2.34 7.93
CA LEU A 212 -1.40 1.58 7.59
C LEU A 212 -1.75 0.15 7.18
N ILE A 213 -2.85 -0.39 7.70
CA ILE A 213 -3.28 -1.71 7.26
C ILE A 213 -3.67 -1.70 5.79
N LEU A 214 -4.12 -0.54 5.28
CA LEU A 214 -4.45 -0.46 3.86
C LEU A 214 -3.22 -0.67 2.99
N SER A 215 -2.03 -0.33 3.50
CA SER A 215 -0.82 -0.62 2.74
C SER A 215 -0.64 -2.13 2.58
N HIS A 216 -0.92 -2.88 3.64
CA HIS A 216 -0.79 -4.33 3.56
CA HIS A 216 -0.80 -4.34 3.58
C HIS A 216 -1.88 -4.94 2.68
N ILE A 217 -3.07 -4.34 2.68
CA ILE A 217 -4.14 -4.79 1.79
C ILE A 217 -3.75 -4.53 0.34
N ARG A 218 -3.12 -3.37 0.07
CA ARG A 218 -2.58 -3.14 -1.27
C ARG A 218 -1.53 -4.19 -1.63
N HIS A 219 -0.64 -4.50 -0.69
CA HIS A 219 0.37 -5.53 -0.93
C HIS A 219 -0.26 -6.88 -1.27
N MET A 220 -1.29 -7.28 -0.51
CA MET A 220 -1.91 -8.58 -0.75
C MET A 220 -2.63 -8.62 -2.08
N SER A 221 -3.29 -7.52 -2.46
CA SER A 221 -3.97 -7.48 -3.75
C SER A 221 -2.97 -7.60 -4.89
N ASN A 222 -1.80 -6.96 -4.77
CA ASN A 222 -0.78 -7.10 -5.79
C ASN A 222 -0.32 -8.55 -5.91
N LYS A 223 -0.07 -9.22 -4.78
CA LYS A 223 0.29 -10.63 -4.81
C LYS A 223 -0.84 -11.48 -5.37
N GLY A 224 -2.08 -11.21 -4.96
CA GLY A 224 -3.19 -11.98 -5.47
C GLY A 224 -3.43 -11.78 -6.96
N MET A 225 -3.11 -10.58 -7.47
CA MET A 225 -3.27 -10.33 -8.90
C MET A 225 -2.26 -11.14 -9.70
N GLU A 226 -1.03 -11.27 -9.19
CA GLU A 226 -0.04 -12.08 -9.88
C GLU A 226 -0.42 -13.55 -9.87
N HIS A 227 -0.96 -14.03 -8.75
CA HIS A 227 -1.42 -15.41 -8.70
C HIS A 227 -2.58 -15.64 -9.66
N LEU A 228 -3.57 -14.75 -9.65
CA LEU A 228 -4.67 -14.86 -10.59
C LEU A 228 -4.18 -14.85 -12.03
N TYR A 229 -3.22 -13.97 -12.35
CA TYR A 229 -2.65 -13.98 -13.69
C TYR A 229 -1.95 -15.30 -13.97
N SER A 230 -1.35 -15.92 -12.95
CA SER A 230 -0.70 -17.21 -13.13
C SER A 230 -1.72 -18.30 -13.41
N MET A 231 -2.95 -18.15 -12.90
CA MET A 231 -4.00 -19.11 -13.17
CA MET A 231 -4.00 -19.12 -13.18
C MET A 231 -4.57 -18.94 -14.58
N LYS A 232 -4.82 -17.70 -15.00
CA LYS A 232 -5.31 -17.42 -16.34
C LYS A 232 -4.38 -18.01 -17.40
N CYS A 233 -3.08 -17.86 -17.19
CA CYS A 233 -2.07 -18.34 -18.13
C CYS A 233 -2.07 -19.87 -18.27
N LYS A 234 -2.27 -20.57 -17.16
CA LYS A 234 -2.28 -22.03 -17.17
C LYS A 234 -3.59 -22.57 -17.73
N ASN A 235 -4.62 -21.73 -17.77
CA ASN A 235 -5.88 -22.03 -18.44
C ASN A 235 -6.52 -23.31 -17.89
N VAL A 236 -6.39 -23.53 -16.59
CA VAL A 236 -6.90 -24.75 -15.96
C VAL A 236 -8.18 -24.44 -15.20
N VAL A 237 -8.28 -23.25 -14.64
CA VAL A 237 -9.45 -22.80 -13.89
C VAL A 237 -10.25 -21.86 -14.78
N PRO A 238 -11.56 -22.08 -14.94
CA PRO A 238 -12.37 -21.17 -15.75
C PRO A 238 -12.55 -19.83 -15.06
N LEU A 239 -12.30 -18.75 -15.80
CA LEU A 239 -12.50 -17.39 -15.31
C LEU A 239 -13.54 -16.70 -16.18
N SER A 240 -14.49 -16.02 -15.55
CA SER A 240 -15.55 -15.33 -16.27
C SER A 240 -14.98 -14.23 -17.14
N ASP A 241 -15.79 -13.77 -18.09
CA ASP A 241 -15.36 -12.65 -18.93
C ASP A 241 -15.09 -11.41 -18.09
N LEU A 242 -15.93 -11.16 -17.08
CA LEU A 242 -15.75 -9.99 -16.23
C LEU A 242 -14.45 -10.10 -15.43
N LEU A 243 -14.21 -11.26 -14.83
CA LEU A 243 -12.99 -11.44 -14.05
C LEU A 243 -11.75 -11.30 -14.92
N LEU A 244 -11.79 -11.84 -16.15
CA LEU A 244 -10.67 -11.68 -17.08
C LEU A 244 -10.41 -10.21 -17.40
N GLU A 245 -11.48 -9.43 -17.53
CA GLU A 245 -11.31 -8.00 -17.80
C GLU A 245 -10.76 -7.27 -16.59
N MET A 246 -11.26 -7.57 -15.39
CA MET A 246 -10.73 -6.93 -14.18
C MET A 246 -9.27 -7.25 -13.99
N LEU A 247 -8.86 -8.49 -14.31
CA LEU A 247 -7.47 -8.86 -14.23
C LEU A 247 -6.64 -8.15 -15.30
N ASP A 248 -7.19 -8.06 -16.51
CA ASP A 248 -6.44 -7.47 -17.62
C ASP A 248 -6.12 -6.00 -17.39
N ALA A 249 -6.90 -5.32 -16.54
CA ALA A 249 -6.66 -3.91 -16.27
C ALA A 249 -5.40 -3.66 -15.44
N HIS A 250 -4.88 -4.68 -14.77
CA HIS A 250 -3.65 -4.53 -14.02
C HIS A 250 -2.40 -4.88 -14.83
N ARG A 251 -2.54 -5.23 -16.10
CA ARG A 251 -1.37 -5.54 -16.90
C ARG A 251 -1.51 -5.01 -18.33
N ASN B 7 14.31 -2.80 27.88
CA ASN B 7 13.40 -1.68 27.65
C ASN B 7 13.74 -0.99 26.34
N SER B 8 13.06 0.11 26.04
CA SER B 8 13.27 0.85 24.81
C SER B 8 13.30 2.34 25.10
N LEU B 9 14.37 3.01 24.65
CA LEU B 9 14.51 4.45 24.83
C LEU B 9 13.69 5.25 23.84
N ALA B 10 13.13 4.61 22.81
CA ALA B 10 12.36 5.33 21.81
C ALA B 10 11.02 5.81 22.33
N LEU B 11 10.44 5.08 23.30
CA LEU B 11 9.15 5.48 23.85
C LEU B 11 9.27 6.71 24.74
N SER B 12 10.43 6.92 25.36
CA SER B 12 10.65 8.07 26.23
C SER B 12 11.13 9.30 25.48
N LEU B 13 11.33 9.21 24.18
CA LEU B 13 11.73 10.35 23.36
C LEU B 13 10.55 11.29 23.14
N THR B 14 10.80 12.59 23.23
CA THR B 14 9.78 13.58 22.89
C THR B 14 9.60 13.65 21.37
N ALA B 15 8.63 14.45 20.93
CA ALA B 15 8.42 14.61 19.50
C ALA B 15 9.58 15.35 18.86
N ASP B 16 10.02 16.46 19.48
CA ASP B 16 11.16 17.20 18.96
C ASP B 16 12.42 16.32 18.93
N GLN B 17 12.63 15.50 19.96
CA GLN B 17 13.77 14.59 19.98
C GLN B 17 13.63 13.51 18.91
N MET B 18 12.40 13.06 18.63
CA MET B 18 12.19 12.14 17.53
C MET B 18 12.59 12.78 16.20
N VAL B 19 12.10 14.00 15.95
CA VAL B 19 12.43 14.70 14.71
C VAL B 19 13.94 14.89 14.58
N SER B 20 14.58 15.37 15.65
CA SER B 20 16.01 15.64 15.60
C SER B 20 16.81 14.37 15.34
N ALA B 21 16.44 13.27 16.00
CA ALA B 21 17.10 12.00 15.74
C ALA B 21 16.96 11.59 14.29
N LEU B 22 15.76 11.70 13.72
CA LEU B 22 15.52 11.23 12.36
C LEU B 22 16.20 12.12 11.33
N LEU B 23 16.17 13.44 11.55
CA LEU B 23 16.82 14.37 10.62
C LEU B 23 18.33 14.14 10.58
N ASP B 24 18.96 13.96 11.75
CA ASP B 24 20.40 13.74 11.78
C ASP B 24 20.76 12.38 11.19
N ALA B 25 19.85 11.41 11.27
CA ALA B 25 20.08 10.07 10.74
C ALA B 25 20.02 10.00 9.22
N GLU B 26 19.73 11.11 8.55
CA GLU B 26 19.41 11.07 7.14
C GLU B 26 20.62 10.61 6.33
N PRO B 27 20.43 9.70 5.38
CA PRO B 27 21.56 9.23 4.57
C PRO B 27 21.99 10.31 3.60
N PRO B 28 23.21 10.22 3.08
CA PRO B 28 23.67 11.22 2.11
C PRO B 28 23.03 11.01 0.74
N ILE B 29 23.10 12.05 -0.08
CA ILE B 29 22.70 11.95 -1.47
C ILE B 29 23.92 11.48 -2.27
N LEU B 30 23.79 10.33 -2.93
CA LEU B 30 24.87 9.68 -3.65
C LEU B 30 24.81 10.02 -5.13
N TYR B 31 25.96 10.01 -5.78
CA TYR B 31 26.05 10.17 -7.22
C TYR B 31 26.03 8.82 -7.93
N SER B 32 25.53 8.82 -9.15
CA SER B 32 25.58 7.60 -9.96
C SER B 32 26.89 7.53 -10.72
N GLU B 33 27.20 6.32 -11.20
CA GLU B 33 28.35 6.12 -12.08
C GLU B 33 28.03 6.44 -13.53
N TYR B 34 27.19 7.46 -13.76
CA TYR B 34 26.76 7.80 -15.11
C TYR B 34 27.96 8.23 -15.95
N ASP B 35 28.11 7.58 -17.12
CA ASP B 35 29.17 7.91 -18.04
C ASP B 35 28.59 8.67 -19.22
N PRO B 36 28.83 9.98 -19.34
CA PRO B 36 28.26 10.74 -20.45
C PRO B 36 28.95 10.54 -21.79
N THR B 37 29.88 9.58 -21.90
CA THR B 37 30.56 9.34 -23.16
C THR B 37 29.87 8.31 -24.04
N ARG B 38 28.92 7.57 -23.48
CA ARG B 38 28.23 6.52 -24.23
C ARG B 38 26.73 6.77 -24.18
N PRO B 39 26.01 6.43 -25.24
CA PRO B 39 24.56 6.57 -25.23
C PRO B 39 23.91 5.54 -24.31
N PHE B 40 22.71 5.86 -23.86
CA PHE B 40 21.94 4.96 -23.03
C PHE B 40 21.47 3.74 -23.83
N SER B 41 21.47 2.59 -23.17
CA SER B 41 20.73 1.41 -23.62
C SER B 41 19.88 0.93 -22.45
N GLU B 42 19.00 -0.04 -22.72
CA GLU B 42 18.22 -0.63 -21.63
C GLU B 42 19.14 -1.21 -20.56
N ALA B 43 20.21 -1.89 -20.99
CA ALA B 43 21.14 -2.51 -20.06
C ALA B 43 21.95 -1.48 -19.29
N SER B 44 22.44 -0.43 -19.97
CA SER B 44 23.32 0.49 -19.27
C SER B 44 22.53 1.36 -18.30
N MET B 45 21.28 1.71 -18.62
CA MET B 45 20.46 2.44 -17.65
C MET B 45 20.06 1.56 -16.48
N MET B 46 19.64 0.33 -16.75
CA MET B 46 19.41 -0.60 -15.64
C MET B 46 20.67 -0.79 -14.80
N GLY B 47 21.85 -0.79 -15.43
CA GLY B 47 23.08 -0.86 -14.68
C GLY B 47 23.30 0.34 -13.77
N LEU B 48 23.07 1.55 -14.29
CA LEU B 48 23.21 2.74 -13.47
C LEU B 48 22.25 2.70 -12.27
N LEU B 49 20.99 2.32 -12.51
CA LEU B 49 19.99 2.36 -11.44
C LEU B 49 20.28 1.30 -10.38
N THR B 50 20.71 0.10 -10.79
CA THR B 50 20.97 -0.95 -9.80
C THR B 50 22.26 -0.70 -9.04
N ASN B 51 23.30 -0.17 -9.72
CA ASN B 51 24.53 0.17 -9.00
C ASN B 51 24.29 1.26 -7.96
N LEU B 52 23.48 2.27 -8.30
CA LEU B 52 23.11 3.31 -7.34
C LEU B 52 22.29 2.74 -6.18
N ALA B 53 21.29 1.90 -6.47
CA ALA B 53 20.51 1.29 -5.40
C ALA B 53 21.41 0.51 -4.45
N ASP B 54 22.35 -0.25 -5.01
CA ASP B 54 23.25 -1.07 -4.21
C ASP B 54 24.10 -0.21 -3.27
N ARG B 55 24.61 0.93 -3.76
CA ARG B 55 25.36 1.81 -2.88
C ARG B 55 24.46 2.50 -1.86
N GLU B 56 23.22 2.83 -2.23
CA GLU B 56 22.29 3.41 -1.27
C GLU B 56 21.90 2.42 -0.18
N LEU B 57 21.81 1.12 -0.50
CA LEU B 57 21.44 0.13 0.50
C LEU B 57 22.36 0.16 1.71
N VAL B 58 23.67 0.28 1.48
CA VAL B 58 24.63 0.34 2.57
C VAL B 58 24.30 1.50 3.51
N HIS B 59 24.04 2.68 2.95
CA HIS B 59 23.66 3.81 3.79
C HIS B 59 22.30 3.60 4.43
N MET B 60 21.37 2.96 3.72
CA MET B 60 20.07 2.66 4.30
C MET B 60 20.21 1.82 5.56
N ILE B 61 21.08 0.82 5.54
CA ILE B 61 21.24 -0.05 6.71
C ILE B 61 21.73 0.77 7.90
N ASN B 62 22.75 1.60 7.67
CA ASN B 62 23.22 2.50 8.72
C ASN B 62 22.11 3.40 9.23
N TRP B 63 21.29 3.93 8.31
CA TRP B 63 20.17 4.78 8.69
C TRP B 63 19.15 4.03 9.53
N ALA B 64 18.83 2.79 9.14
CA ALA B 64 17.80 2.04 9.84
C ALA B 64 18.20 1.80 11.29
N LYS B 65 19.49 1.53 11.52
CA LYS B 65 19.96 1.33 12.89
C LYS B 65 19.83 2.60 13.73
N ARG B 66 19.68 3.76 13.11
CA ARG B 66 19.48 5.00 13.83
C ARG B 66 18.00 5.38 13.96
N VAL B 67 17.10 4.60 13.39
CA VAL B 67 15.68 4.86 13.61
C VAL B 67 15.30 4.38 15.00
N PRO B 68 14.74 5.24 15.86
CA PRO B 68 14.43 4.84 17.24
C PRO B 68 13.60 3.57 17.30
N GLY B 69 14.02 2.64 18.16
CA GLY B 69 13.33 1.38 18.32
C GLY B 69 13.85 0.26 17.44
N PHE B 70 14.56 0.57 16.35
CA PHE B 70 14.98 -0.47 15.41
C PHE B 70 16.04 -1.39 16.02
N VAL B 71 17.02 -0.82 16.76
CA VAL B 71 18.08 -1.63 17.36
C VAL B 71 17.55 -2.54 18.47
N ASP B 72 16.37 -2.25 19.01
CA ASP B 72 15.80 -3.11 20.04
C ASP B 72 15.37 -4.47 19.49
N LEU B 73 15.29 -4.62 18.17
CA LEU B 73 14.80 -5.83 17.54
C LEU B 73 15.93 -6.84 17.33
N THR B 74 15.55 -8.11 17.21
CA THR B 74 16.53 -9.13 16.86
C THR B 74 17.02 -8.93 15.42
N LEU B 75 18.22 -9.46 15.14
CA LEU B 75 18.77 -9.35 13.79
C LEU B 75 17.84 -9.96 12.75
N HIS B 76 17.14 -11.04 13.12
CA HIS B 76 16.15 -11.63 12.20
C HIS B 76 15.03 -10.65 11.89
N ASP B 77 14.50 -9.96 12.90
CA ASP B 77 13.41 -9.01 12.66
C ASP B 77 13.90 -7.79 11.88
N GLN B 78 15.11 -7.32 12.20
CA GLN B 78 15.71 -6.24 11.43
C GLN B 78 15.85 -6.61 9.96
N VAL B 79 16.37 -7.81 9.69
CA VAL B 79 16.52 -8.29 8.32
C VAL B 79 15.17 -8.31 7.61
N HIS B 80 14.14 -8.83 8.29
CA HIS B 80 12.82 -8.96 7.67
C HIS B 80 12.24 -7.60 7.30
N LEU B 81 12.32 -6.62 8.20
CA LEU B 81 11.75 -5.31 7.91
C LEU B 81 12.45 -4.67 6.73
N LEU B 82 13.79 -4.72 6.72
CA LEU B 82 14.53 -4.11 5.63
C LEU B 82 14.30 -4.85 4.31
N GLU B 83 14.18 -6.18 4.37
CA GLU B 83 13.88 -6.97 3.18
C GLU B 83 12.53 -6.57 2.56
N CYS B 84 11.52 -6.31 3.39
CA CYS B 84 10.19 -5.97 2.90
CA CYS B 84 10.21 -5.95 2.84
C CYS B 84 10.12 -4.51 2.38
N ALA B 85 10.80 -3.61 3.08
CA ALA B 85 10.64 -2.18 2.82
C ALA B 85 11.68 -1.49 1.94
N TRP B 86 12.78 -2.17 1.55
CA TRP B 86 13.93 -1.43 1.02
C TRP B 86 13.58 -0.63 -0.24
N LEU B 87 12.76 -1.20 -1.12
CA LEU B 87 12.46 -0.49 -2.35
C LEU B 87 11.46 0.64 -2.12
N GLU B 88 10.49 0.45 -1.22
CA GLU B 88 9.66 1.56 -0.79
C GLU B 88 10.51 2.72 -0.25
N ILE B 89 11.52 2.39 0.55
CA ILE B 89 12.37 3.43 1.14
C ILE B 89 13.17 4.16 0.07
N LEU B 90 13.76 3.42 -0.88
CA LEU B 90 14.46 4.07 -2.00
C LEU B 90 13.52 4.98 -2.78
N MET B 91 12.29 4.51 -3.01
CA MET B 91 11.33 5.26 -3.81
C MET B 91 10.83 6.50 -3.09
N ILE B 92 10.49 6.38 -1.79
CA ILE B 92 10.01 7.60 -1.15
C ILE B 92 11.13 8.63 -1.09
N GLY B 93 12.38 8.17 -0.95
CA GLY B 93 13.50 9.11 -1.01
C GLY B 93 13.64 9.74 -2.38
N LEU B 94 13.49 8.95 -3.44
CA LEU B 94 13.58 9.47 -4.80
C LEU B 94 12.48 10.50 -5.06
N VAL B 95 11.25 10.17 -4.66
CA VAL B 95 10.13 11.09 -4.84
C VAL B 95 10.37 12.38 -4.05
N TRP B 96 10.87 12.26 -2.82
CA TRP B 96 11.23 13.43 -2.04
C TRP B 96 12.27 14.29 -2.77
N ARG B 97 13.35 13.66 -3.27
CA ARG B 97 14.41 14.40 -3.96
C ARG B 97 13.93 15.06 -5.25
N SER B 98 12.85 14.56 -5.83
CA SER B 98 12.39 15.06 -7.12
C SER B 98 11.32 16.14 -7.01
N MET B 99 10.86 16.45 -5.78
CA MET B 99 9.75 17.39 -5.61
C MET B 99 9.97 18.69 -6.37
N GLU B 100 11.16 19.27 -6.26
CA GLU B 100 11.42 20.55 -6.91
C GLU B 100 11.87 20.38 -8.36
N HIS B 101 11.64 19.22 -8.97
CA HIS B 101 11.97 18.96 -10.37
C HIS B 101 10.73 18.42 -11.08
N PRO B 102 9.77 19.29 -11.42
CA PRO B 102 8.53 18.82 -12.03
C PRO B 102 8.78 18.12 -13.36
N GLY B 103 8.22 16.94 -13.52
CA GLY B 103 8.42 16.16 -14.71
C GLY B 103 9.70 15.37 -14.77
N LYS B 104 10.53 15.40 -13.72
CA LYS B 104 11.80 14.70 -13.74
C LYS B 104 11.98 13.93 -12.44
N LEU B 105 12.77 12.85 -12.51
CA LEU B 105 13.14 12.07 -11.35
C LEU B 105 14.64 12.23 -11.11
N LEU B 106 14.98 12.73 -9.91
CA LEU B 106 16.38 12.95 -9.53
C LEU B 106 16.88 11.69 -8.84
N PHE B 107 17.21 10.68 -9.64
CA PHE B 107 17.85 9.50 -9.08
C PHE B 107 19.14 9.90 -8.38
N ALA B 108 19.87 10.82 -8.97
CA ALA B 108 21.10 11.36 -8.43
C ALA B 108 21.31 12.74 -9.05
N PRO B 109 22.17 13.58 -8.46
CA PRO B 109 22.37 14.92 -9.04
C PRO B 109 22.88 14.89 -10.47
N ASN B 110 23.61 13.84 -10.87
CA ASN B 110 24.08 13.68 -12.23
C ASN B 110 23.25 12.65 -13.01
N LEU B 111 22.03 12.36 -12.55
CA LEU B 111 21.16 11.43 -13.22
C LEU B 111 19.72 11.90 -12.98
N LEU B 112 19.36 12.97 -13.68
CA LEU B 112 18.05 13.59 -13.57
C LEU B 112 17.30 13.28 -14.85
N LEU B 113 16.30 12.40 -14.75
CA LEU B 113 15.65 11.82 -15.93
C LEU B 113 14.19 12.23 -16.04
N ASP B 114 13.74 12.47 -17.27
CA ASP B 114 12.34 12.60 -17.60
C ASP B 114 11.81 11.27 -18.13
N ARG B 115 10.48 11.20 -18.31
CA ARG B 115 9.86 9.93 -18.69
C ARG B 115 10.32 9.45 -20.06
N ASN B 116 10.71 10.36 -20.95
CA ASN B 116 11.16 9.92 -22.27
C ASN B 116 12.50 9.19 -22.20
N GLN B 117 13.38 9.61 -21.28
CA GLN B 117 14.57 8.84 -20.98
C GLN B 117 14.25 7.54 -20.26
N GLY B 118 13.15 7.49 -19.51
CA GLY B 118 12.75 6.22 -18.90
C GLY B 118 12.27 5.17 -19.87
N LYS B 119 11.89 5.57 -21.09
CA LYS B 119 11.31 4.66 -22.07
C LYS B 119 12.31 3.66 -22.60
N CYS B 120 13.60 3.98 -22.52
CA CYS B 120 14.66 3.14 -23.06
CA CYS B 120 14.58 3.09 -23.10
C CYS B 120 14.78 1.86 -22.23
N VAL B 121 14.17 1.87 -21.04
CA VAL B 121 14.03 0.66 -20.27
C VAL B 121 12.55 0.26 -20.32
N GLU B 122 12.23 -0.68 -21.19
CA GLU B 122 10.85 -1.11 -21.37
C GLU B 122 10.30 -1.73 -20.09
N GLY B 123 9.07 -1.32 -19.74
CA GLY B 123 8.44 -1.77 -18.53
C GLY B 123 8.67 -0.87 -17.34
N MET B 124 9.58 0.09 -17.45
CA MET B 124 9.87 1.04 -16.39
C MET B 124 8.99 2.28 -16.49
N VAL B 125 8.49 2.60 -17.68
CA VAL B 125 7.80 3.88 -17.89
C VAL B 125 6.53 3.97 -17.05
N GLU B 126 5.87 2.85 -16.78
CA GLU B 126 4.70 2.87 -15.91
C GLU B 126 5.10 3.22 -14.48
N ILE B 127 6.14 2.55 -13.97
CA ILE B 127 6.72 2.89 -12.68
C ILE B 127 7.20 4.33 -12.64
N PHE B 128 7.93 4.75 -13.68
CA PHE B 128 8.37 6.14 -13.81
C PHE B 128 7.21 7.10 -13.62
N ASP B 129 6.11 6.87 -14.34
CA ASP B 129 4.95 7.76 -14.29
C ASP B 129 4.35 7.81 -12.89
N MET B 130 4.26 6.67 -12.21
CA MET B 130 3.73 6.65 -10.85
C MET B 130 4.62 7.43 -9.90
N LEU B 131 5.94 7.31 -10.06
CA LEU B 131 6.87 8.04 -9.19
C LEU B 131 6.73 9.54 -9.39
N LEU B 132 6.65 9.98 -10.65
CA LEU B 132 6.39 11.39 -10.93
C LEU B 132 5.08 11.86 -10.30
N ALA B 133 4.02 11.06 -10.41
CA ALA B 133 2.73 11.47 -9.84
C ALA B 133 2.82 11.59 -8.33
N THR B 134 3.57 10.70 -7.67
CA THR B 134 3.79 10.79 -6.23
C THR B 134 4.60 12.03 -5.87
N SER B 135 5.65 12.32 -6.64
CA SER B 135 6.43 13.53 -6.41
C SER B 135 5.57 14.77 -6.55
N SER B 136 4.67 14.78 -7.54
CA SER B 136 3.81 15.93 -7.74
C SER B 136 2.78 16.06 -6.62
N ARG B 137 2.28 14.92 -6.11
CA ARG B 137 1.39 14.94 -4.97
C ARG B 137 2.09 15.53 -3.73
N PHE B 138 3.31 15.07 -3.44
CA PHE B 138 4.06 15.66 -2.33
C PHE B 138 4.27 17.15 -2.55
N ARG B 139 4.52 17.56 -3.79
CA ARG B 139 4.75 18.98 -4.06
C ARG B 139 3.48 19.79 -3.82
N MET B 140 2.34 19.29 -4.30
CA MET B 140 1.08 19.97 -4.10
C MET B 140 0.71 20.05 -2.63
N MET B 141 0.97 18.98 -1.87
CA MET B 141 0.76 18.97 -0.43
C MET B 141 1.79 19.80 0.33
N ASN B 142 2.87 20.23 -0.33
CA ASN B 142 3.97 20.95 0.31
C ASN B 142 4.55 20.13 1.48
N LEU B 143 4.87 18.87 1.19
CA LEU B 143 5.45 17.98 2.18
C LEU B 143 6.74 18.57 2.74
N GLN B 144 6.87 18.57 4.07
CA GLN B 144 8.02 19.09 4.77
C GLN B 144 9.03 17.99 5.06
N GLY B 145 10.30 18.40 5.24
CA GLY B 145 11.34 17.43 5.51
C GLY B 145 11.10 16.63 6.78
N GLU B 146 10.54 17.26 7.81
CA GLU B 146 10.26 16.57 9.05
C GLU B 146 9.13 15.56 8.90
N GLU B 147 8.13 15.88 8.07
CA GLU B 147 7.09 14.90 7.74
C GLU B 147 7.67 13.77 6.91
N PHE B 148 8.56 14.09 5.98
CA PHE B 148 9.16 13.06 5.12
C PHE B 148 9.92 12.03 5.95
N VAL B 149 10.76 12.47 6.89
CA VAL B 149 11.54 11.49 7.65
C VAL B 149 10.63 10.62 8.54
N CYS B 150 9.55 11.19 9.07
CA CYS B 150 8.57 10.38 9.79
C CYS B 150 7.98 9.29 8.90
N LEU B 151 7.49 9.66 7.71
CA LEU B 151 6.90 8.71 6.79
C LEU B 151 7.89 7.61 6.41
N LYS B 152 9.14 7.98 6.12
CA LYS B 152 10.11 6.96 5.74
C LYS B 152 10.33 5.97 6.87
N SER B 153 10.34 6.45 8.12
CA SER B 153 10.50 5.54 9.24
C SER B 153 9.27 4.68 9.47
N ILE B 154 8.08 5.22 9.21
CA ILE B 154 6.86 4.41 9.29
C ILE B 154 6.93 3.24 8.31
N ILE B 155 7.34 3.54 7.07
CA ILE B 155 7.46 2.49 6.06
C ILE B 155 8.36 1.36 6.56
N LEU B 156 9.51 1.72 7.14
CA LEU B 156 10.47 0.73 7.62
C LEU B 156 9.86 -0.15 8.71
N LEU B 157 9.14 0.46 9.64
CA LEU B 157 8.55 -0.31 10.73
C LEU B 157 7.25 -0.98 10.31
N ASN B 158 6.51 -0.42 9.36
CA ASN B 158 5.19 -0.98 9.09
C ASN B 158 5.17 -2.08 8.03
N SER B 159 5.96 -1.96 6.97
CA SER B 159 5.69 -2.76 5.78
C SER B 159 5.84 -4.25 6.05
N GLY B 160 6.77 -4.64 6.90
CA GLY B 160 6.92 -6.04 7.27
C GLY B 160 6.33 -6.46 8.60
N VAL B 161 5.64 -5.56 9.33
CA VAL B 161 5.22 -5.93 10.68
C VAL B 161 4.16 -7.03 10.66
N TYR B 162 3.28 -7.05 9.66
CA TYR B 162 2.17 -7.98 9.64
C TYR B 162 2.51 -9.31 8.98
N THR B 163 3.80 -9.59 8.79
CA THR B 163 4.24 -10.88 8.28
C THR B 163 5.23 -11.52 9.26
N PHE B 164 4.87 -11.53 10.54
CA PHE B 164 5.68 -12.20 11.57
C PHE B 164 5.21 -13.62 11.83
N SER B 167 3.36 -16.43 16.62
CA SER B 167 2.75 -17.41 17.52
C SER B 167 3.32 -17.31 18.92
N THR B 168 4.66 -17.32 19.01
CA THR B 168 5.32 -17.27 20.30
C THR B 168 5.02 -15.97 21.02
N LEU B 169 5.01 -16.02 22.35
CA LEU B 169 4.71 -14.84 23.14
C LEU B 169 5.79 -13.76 23.01
N LYS B 170 7.03 -14.17 22.71
CA LYS B 170 8.08 -13.19 22.47
C LYS B 170 7.90 -12.48 21.14
N SER B 171 7.26 -13.14 20.16
CA SER B 171 7.02 -12.50 18.88
C SER B 171 5.87 -11.50 18.97
N LEU B 172 4.82 -11.83 19.73
CA LEU B 172 3.73 -10.89 19.96
C LEU B 172 4.15 -9.72 20.83
N GLU B 173 5.19 -9.89 21.65
CA GLU B 173 5.72 -8.79 22.45
C GLU B 173 6.60 -7.87 21.63
N GLU B 174 7.32 -8.41 20.64
CA GLU B 174 8.13 -7.57 19.77
C GLU B 174 7.26 -6.80 18.79
N LYS B 175 6.18 -7.41 18.31
CA LYS B 175 5.25 -6.70 17.44
C LYS B 175 4.57 -5.57 18.19
N ASP B 176 4.28 -5.78 19.47
CA ASP B 176 3.69 -4.72 20.29
C ASP B 176 4.66 -3.57 20.46
N HIS B 177 5.96 -3.86 20.58
CA HIS B 177 6.95 -2.81 20.67
C HIS B 177 6.98 -1.97 19.39
N ILE B 178 6.97 -2.64 18.22
CA ILE B 178 6.95 -1.92 16.95
C ILE B 178 5.73 -1.01 16.86
N HIS B 179 4.56 -1.50 17.29
CA HIS B 179 3.38 -0.68 17.19
C HIS B 179 3.41 0.48 18.18
N ARG B 180 4.07 0.31 19.33
CA ARG B 180 4.26 1.43 20.25
C ARG B 180 5.16 2.49 19.63
N VAL B 181 6.16 2.07 18.86
CA VAL B 181 7.03 3.02 18.19
C VAL B 181 6.29 3.73 17.06
N LEU B 182 5.50 2.98 16.29
CA LEU B 182 4.69 3.61 15.25
C LEU B 182 3.73 4.64 15.82
N ASP B 183 3.13 4.33 16.98
CA ASP B 183 2.27 5.32 17.65
C ASP B 183 3.02 6.58 18.03
N LYS B 184 4.28 6.44 18.45
CA LYS B 184 5.11 7.62 18.73
C LYS B 184 5.35 8.44 17.47
N ILE B 185 5.53 7.79 16.32
CA ILE B 185 5.72 8.55 15.09
C ILE B 185 4.41 9.24 14.69
N THR B 186 3.27 8.61 14.95
CA THR B 186 2.00 9.31 14.76
C THR B 186 1.93 10.55 15.62
N ASP B 187 2.23 10.43 16.92
CA ASP B 187 2.23 11.59 17.81
C ASP B 187 3.16 12.68 17.27
N THR B 188 4.29 12.27 16.71
CA THR B 188 5.26 13.22 16.16
C THR B 188 4.71 13.92 14.93
N LEU B 189 4.07 13.18 14.02
CA LEU B 189 3.45 13.83 12.87
C LEU B 189 2.40 14.83 13.30
N ILE B 190 1.56 14.45 14.26
CA ILE B 190 0.53 15.38 14.72
C ILE B 190 1.15 16.60 15.38
N HIS B 191 2.20 16.38 16.17
CA HIS B 191 2.91 17.49 16.79
C HIS B 191 3.47 18.45 15.74
N LEU B 192 4.02 17.92 14.65
CA LEU B 192 4.57 18.79 13.61
C LEU B 192 3.47 19.61 12.94
N MET B 193 2.31 19.01 12.71
CA MET B 193 1.23 19.73 12.04
C MET B 193 0.65 20.81 12.94
N ALA B 194 0.47 20.52 14.23
CA ALA B 194 -0.01 21.55 15.14
C ALA B 194 0.98 22.70 15.25
N LYS B 195 2.28 22.38 15.32
CA LYS B 195 3.31 23.41 15.39
C LYS B 195 3.30 24.29 14.15
N ALA B 196 2.98 23.73 13.00
CA ALA B 196 2.84 24.51 11.78
C ALA B 196 1.52 25.28 11.70
N GLY B 197 0.67 25.18 12.72
CA GLY B 197 -0.54 25.97 12.79
C GLY B 197 -1.77 25.36 12.13
N LEU B 198 -1.73 24.10 11.71
CA LEU B 198 -2.93 23.47 11.18
C LEU B 198 -3.97 23.30 12.28
N THR B 199 -5.24 23.54 11.93
CA THR B 199 -6.32 23.30 12.89
C THR B 199 -6.43 21.82 13.22
N LEU B 200 -7.13 21.53 14.32
CA LEU B 200 -7.31 20.15 14.76
C LEU B 200 -7.88 19.28 13.64
N GLN B 201 -8.90 19.77 12.92
CA GLN B 201 -9.48 18.98 11.83
C GLN B 201 -8.48 18.80 10.70
N GLN B 202 -7.75 19.86 10.34
CA GLN B 202 -6.72 19.75 9.31
C GLN B 202 -5.64 18.75 9.69
N GLN B 203 -5.31 18.66 10.98
CA GLN B 203 -4.28 17.70 11.38
C GLN B 203 -4.66 16.27 11.02
N HIS B 204 -5.87 15.83 11.38
CA HIS B 204 -6.20 14.44 11.10
C HIS B 204 -6.46 14.22 9.60
N GLN B 205 -6.94 15.25 8.90
CA GLN B 205 -7.10 15.11 7.46
C GLN B 205 -5.75 14.94 6.76
N ARG B 206 -4.76 15.73 7.15
CA ARG B 206 -3.44 15.64 6.52
C ARG B 206 -2.73 14.35 6.89
N LEU B 207 -2.84 13.92 8.15
CA LEU B 207 -2.27 12.64 8.54
C LEU B 207 -2.82 11.52 7.65
N ALA B 208 -4.14 11.51 7.43
CA ALA B 208 -4.73 10.51 6.55
C ALA B 208 -4.21 10.63 5.12
N GLN B 209 -4.17 11.85 4.58
CA GLN B 209 -3.69 12.04 3.21
C GLN B 209 -2.26 11.53 3.06
N LEU B 210 -1.41 11.78 4.05
CA LEU B 210 -0.03 11.32 3.95
C LEU B 210 0.04 9.80 4.04
N LEU B 211 -0.67 9.21 5.00
CA LEU B 211 -0.58 7.76 5.16
C LEU B 211 -1.20 7.01 3.98
N LEU B 212 -2.23 7.59 3.34
CA LEU B 212 -2.79 6.92 2.17
C LEU B 212 -1.80 6.88 1.01
N ILE B 213 -0.86 7.85 0.96
CA ILE B 213 0.14 7.81 -0.09
C ILE B 213 1.05 6.60 0.07
N LEU B 214 1.25 6.15 1.31
CA LEU B 214 2.07 4.96 1.56
C LEU B 214 1.51 3.72 0.87
N SER B 215 0.20 3.66 0.63
CA SER B 215 -0.35 2.53 -0.11
C SER B 215 0.06 2.59 -1.58
N HIS B 216 0.11 3.80 -2.14
CA HIS B 216 0.63 3.94 -3.51
CA HIS B 216 0.63 3.95 -3.51
C HIS B 216 2.11 3.61 -3.58
N ILE B 217 2.88 3.99 -2.55
CA ILE B 217 4.29 3.64 -2.50
C ILE B 217 4.48 2.13 -2.39
N ARG B 218 3.67 1.46 -1.56
CA ARG B 218 3.66 0.00 -1.55
C ARG B 218 3.35 -0.56 -2.93
N HIS B 219 2.35 0.01 -3.61
CA HIS B 219 2.01 -0.43 -4.96
C HIS B 219 3.19 -0.28 -5.92
N MET B 220 3.82 0.90 -5.92
CA MET B 220 4.95 1.15 -6.80
C MET B 220 6.10 0.18 -6.51
N SER B 221 6.37 -0.08 -5.24
CA SER B 221 7.42 -1.04 -4.88
C SER B 221 7.13 -2.42 -5.44
N ASN B 222 5.88 -2.89 -5.33
CA ASN B 222 5.54 -4.21 -5.85
C ASN B 222 5.73 -4.27 -7.36
N LYS B 223 5.28 -3.23 -8.08
CA LYS B 223 5.51 -3.17 -9.51
C LYS B 223 7.01 -3.08 -9.83
N GLY B 224 7.76 -2.32 -9.03
CA GLY B 224 9.19 -2.23 -9.25
C GLY B 224 9.90 -3.54 -8.97
N MET B 225 9.43 -4.30 -7.99
CA MET B 225 10.06 -5.58 -7.69
C MET B 225 9.86 -6.57 -8.82
N GLU B 226 8.65 -6.60 -9.40
CA GLU B 226 8.39 -7.44 -10.57
C GLU B 226 9.24 -7.01 -11.76
N HIS B 227 9.47 -5.70 -11.92
CA HIS B 227 10.33 -5.27 -13.02
C HIS B 227 11.77 -5.70 -12.79
N LEU B 228 12.28 -5.52 -11.58
CA LEU B 228 13.65 -5.94 -11.28
C LEU B 228 13.83 -7.44 -11.50
N TYR B 229 12.87 -8.23 -11.03
CA TYR B 229 12.87 -9.67 -11.27
C TYR B 229 12.93 -9.97 -12.77
N SER B 230 12.16 -9.25 -13.57
CA SER B 230 12.20 -9.47 -15.02
C SER B 230 13.59 -9.18 -15.59
N MET B 231 14.24 -8.11 -15.14
CA MET B 231 15.55 -7.77 -15.67
C MET B 231 16.59 -8.81 -15.30
N LYS B 232 16.52 -9.35 -14.09
CA LYS B 232 17.37 -10.47 -13.70
C LYS B 232 17.16 -11.70 -14.57
N CYS B 233 15.90 -12.10 -14.70
CA CYS B 233 15.54 -13.33 -15.42
C CYS B 233 15.72 -13.26 -16.94
N LYS B 234 15.90 -12.04 -17.46
CA LYS B 234 16.15 -11.85 -18.88
C LYS B 234 17.63 -11.52 -19.12
N ASN B 235 18.44 -11.60 -18.06
CA ASN B 235 19.88 -11.35 -18.14
C ASN B 235 20.17 -9.97 -18.69
N VAL B 236 19.38 -8.98 -18.27
CA VAL B 236 19.60 -7.61 -18.72
C VAL B 236 20.80 -6.99 -18.01
N VAL B 237 20.88 -7.20 -16.70
CA VAL B 237 21.99 -6.69 -15.90
C VAL B 237 22.31 -7.70 -14.82
N PRO B 238 23.59 -7.76 -14.44
CA PRO B 238 23.94 -8.55 -13.26
C PRO B 238 23.60 -7.77 -12.01
N LEU B 239 22.95 -8.44 -11.06
CA LEU B 239 22.63 -7.83 -9.80
C LEU B 239 23.70 -8.22 -8.77
N SER B 240 24.06 -7.25 -7.93
CA SER B 240 24.96 -7.55 -6.82
C SER B 240 24.39 -8.67 -5.98
N ASP B 241 25.24 -9.27 -5.14
CA ASP B 241 24.75 -10.34 -4.29
C ASP B 241 23.75 -9.82 -3.26
N LEU B 242 23.92 -8.57 -2.82
CA LEU B 242 22.96 -7.97 -1.92
C LEU B 242 21.61 -7.76 -2.60
N LEU B 243 21.62 -7.23 -3.82
CA LEU B 243 20.37 -7.03 -4.54
C LEU B 243 19.67 -8.34 -4.86
N LEU B 244 20.43 -9.40 -5.15
CA LEU B 244 19.84 -10.70 -5.39
C LEU B 244 19.14 -11.21 -4.13
N GLU B 245 19.74 -10.99 -2.96
CA GLU B 245 19.12 -11.46 -1.73
C GLU B 245 17.89 -10.62 -1.37
N MET B 246 17.96 -9.30 -1.57
CA MET B 246 16.80 -8.45 -1.31
C MET B 246 15.66 -8.78 -2.26
N LEU B 247 15.99 -9.14 -3.50
CA LEU B 247 14.97 -9.56 -4.46
C LEU B 247 14.37 -10.90 -4.08
N ASP B 248 15.22 -11.89 -3.79
CA ASP B 248 14.78 -13.23 -3.41
C ASP B 248 13.90 -13.24 -2.17
N ALA B 249 14.02 -12.23 -1.29
CA ALA B 249 13.15 -12.18 -0.11
C ALA B 249 11.69 -11.96 -0.47
N HIS B 250 11.42 -11.46 -1.68
CA HIS B 250 10.05 -11.21 -2.11
C HIS B 250 9.44 -12.37 -2.89
N ARG B 251 10.26 -13.34 -3.31
CA ARG B 251 9.79 -14.62 -3.82
C ARG B 251 8.74 -14.45 -4.93
N LEU B 252 9.21 -13.92 -6.05
CA LEU B 252 8.32 -13.55 -7.14
C LEU B 252 8.15 -14.70 -8.13
N HIS B 253 7.14 -14.57 -8.99
CA HIS B 253 6.84 -15.56 -10.02
C HIS B 253 6.95 -14.96 -11.41
N LYS C 3 -15.06 -3.32 -20.82
CA LYS C 3 -16.32 -2.99 -21.48
C LYS C 3 -17.51 -3.51 -20.68
N ILE C 4 -17.34 -4.69 -20.05
CA ILE C 4 -18.39 -5.22 -19.19
C ILE C 4 -18.62 -4.31 -18.01
N LEU C 5 -17.54 -3.79 -17.41
CA LEU C 5 -17.67 -2.92 -16.25
C LEU C 5 -18.44 -1.65 -16.58
N HIS C 6 -18.22 -1.09 -17.78
CA HIS C 6 -19.01 0.04 -18.24
C HIS C 6 -20.49 -0.27 -18.25
N ARG C 7 -20.86 -1.41 -18.85
CA ARG C 7 -22.26 -1.80 -18.93
C ARG C 7 -22.87 -2.02 -17.55
N LEU C 8 -22.07 -2.51 -16.59
CA LEU C 8 -22.62 -2.80 -15.27
C LEU C 8 -22.86 -1.52 -14.48
N LEU C 9 -21.98 -0.53 -14.62
CA LEU C 9 -22.14 0.74 -13.90
C LEU C 9 -23.34 1.53 -14.44
N GLN C 10 -23.57 1.50 -15.75
CA GLN C 10 -24.72 2.22 -16.29
C GLN C 10 -26.04 1.58 -15.90
N ASP C 11 -26.06 0.27 -15.69
CA ASP C 11 -27.28 -0.43 -15.28
C ASP C 11 -27.22 -0.80 -13.80
N HIS D 2 24.03 -17.26 6.25
CA HIS D 2 24.92 -16.09 6.36
C HIS D 2 24.68 -15.12 5.20
N LYS D 3 23.53 -14.47 5.20
CA LYS D 3 23.21 -13.55 4.13
C LYS D 3 23.94 -12.22 4.32
N ILE D 4 23.98 -11.43 3.24
CA ILE D 4 24.73 -10.18 3.26
C ILE D 4 24.10 -9.20 4.23
N LEU D 5 22.77 -9.06 4.18
CA LEU D 5 22.09 -8.08 5.01
C LEU D 5 22.34 -8.32 6.48
N HIS D 6 22.29 -9.59 6.91
CA HIS D 6 22.56 -9.93 8.29
C HIS D 6 23.96 -9.49 8.71
N ARG D 7 24.95 -9.66 7.83
CA ARG D 7 26.31 -9.26 8.14
C ARG D 7 26.44 -7.74 8.20
N LEU D 8 25.89 -7.04 7.21
CA LEU D 8 25.98 -5.59 7.18
C LEU D 8 25.29 -4.94 8.38
N LEU D 9 24.24 -5.57 8.91
CA LEU D 9 23.56 -5.00 10.07
C LEU D 9 24.42 -5.04 11.32
N GLN D 10 25.44 -5.88 11.36
CA GLN D 10 26.31 -5.98 12.53
C GLN D 10 27.53 -5.07 12.46
N ASP D 11 28.08 -4.84 11.27
CA ASP D 11 29.30 -4.04 11.14
C ASP D 11 28.98 -2.56 11.27
N SER D 12 29.72 -1.87 12.12
CA SER D 12 29.53 -0.44 12.33
C SER D 12 30.74 0.19 13.01
C01 7FR E . -13.62 -14.11 -2.84
C02 7FR E . -13.41 -13.21 -1.86
C03 7FR E . -12.14 -12.87 -1.58
C04 7FR E . -11.09 -13.39 -2.27
C05 7FR E . -11.31 -14.30 -3.24
C06 7FR E . -12.59 -14.64 -3.52
C07 7FR E . -9.71 -12.92 -1.87
C08 7FR E . -8.56 -13.73 -2.49
C09 7FR E . -8.90 -14.02 -3.95
C10 7FR E . -10.17 -14.91 -4.04
C11 7FR E . -7.76 -14.77 -4.64
C12 7FR E . -8.03 -14.86 -6.14
C13 7FR E . -9.26 -15.75 -6.33
C14 7FR E . -10.49 -15.27 -5.50
C15 7FR E . -6.33 -14.21 -4.54
C16 7FR E . -5.60 -15.01 -5.64
C17 7FR E . -6.70 -15.44 -6.58
O01 7FR E . -14.44 -12.67 -1.16
N01 7FR E . -6.67 -16.29 -7.51
C27 7FR E . -8.19 -13.51 -6.88
C01 7FR F . 17.67 4.14 -6.80
C02 7FR F . 16.78 4.86 -6.10
C03 7FR F . 15.47 4.64 -6.36
C04 7FR F . 15.06 3.74 -7.28
C05 7FR F . 15.98 3.01 -7.97
C06 7FR F . 17.29 3.23 -7.71
C07 7FR F . 13.57 3.58 -7.46
C08 7FR F . 13.18 2.74 -8.68
C09 7FR F . 14.10 1.51 -8.78
C10 7FR F . 15.56 1.98 -9.02
C11 7FR F . 13.69 0.58 -9.92
C12 7FR F . 14.49 -0.72 -9.91
C13 7FR F . 15.97 -0.34 -10.15
C14 7FR F . 16.47 0.74 -9.16
C15 7FR F . 12.24 0.05 -9.99
C16 7FR F . 12.36 -0.97 -11.14
C17 7FR F . 13.78 -1.45 -11.02
O01 7FR F . 17.17 5.77 -5.17
N01 7FR F . 14.44 -2.26 -11.74
C27 7FR F . 14.31 -1.59 -8.64
#